data_2YWE
#
_entry.id   2YWE
#
_cell.length_a   81.570
_cell.length_b   115.836
_cell.length_c   123.308
_cell.angle_alpha   90.00
_cell.angle_beta   90.00
_cell.angle_gamma   90.00
#
_symmetry.space_group_name_H-M   'C 2 2 21'
#
loop_
_entity.id
_entity.type
_entity.pdbx_description
1 polymer 'GTP-binding protein lepA'
2 water water
#
_entity_poly.entity_id   1
_entity_poly.type   'polypeptide(L)'
_entity_poly.pdbx_seq_one_letter_code
;MEQKNVRNFCIIAHVDHGKSTLADRLLEYTGAISEREKREQLLDTLDVERERGITVKMQAVRMFYKAKDGNTYKLHLIDT
PGHVDFSYEVSRALAACEGALLLIDASQGIEAQTVANFWKAVEQDLVIIPVINKIDLPSADVDRVKKQIEEVLGLDPEEA
ILASAKEGIGIEEILEAIVNRIPPPKGDPQKPLKALIFDSYYDPYRGAVAFVRIFDGEVKPGDKIMLMSTGKEYEVTEVG
AQTPKMTKFDKLSAGDVGYIAASIKDVRDIRIGDTITHAKNPTKEPVPGFQPAKPMVYAGIYPAEDTTYEELRDALEKYA
INDAAIVYEPESSPALGMGFRVGFLGLLHMEIVQERLEREYGVKIITTAPNVIYRVKKKFTDEVIEVRNPMDFPDNAGLI
EYVEEPFVLVTIITPKEYVGPIIQLCQEKRGIQKNMTYLDPNTVYLEYEMPLSEIIVDFHDKIKSISRGFASYDYEFIGY
RPSDLIKLTVLINKKPVDALSFIVHADRAQKFARRVAEKLRETIPRQLFEVHIQVAKGGKVIASERIKPLRANVTAKCYG
GDVTRKKKLLENQKEGKKRMKQFGKVQLPQEAFLSVLKVE
;
_entity_poly.pdbx_strand_id   A
#
# COMPACT_ATOMS: atom_id res chain seq x y z
N MET A 1 23.13 13.36 -25.53
CA MET A 1 22.58 13.27 -24.14
C MET A 1 23.43 12.34 -23.29
N GLU A 2 24.22 12.92 -22.39
CA GLU A 2 25.08 12.14 -21.50
C GLU A 2 24.36 11.79 -20.20
N GLN A 3 24.88 10.81 -19.48
CA GLN A 3 24.28 10.37 -18.23
C GLN A 3 24.38 11.43 -17.13
N LYS A 4 25.33 12.34 -17.25
CA LYS A 4 25.48 13.39 -16.25
C LYS A 4 24.38 14.43 -16.39
N ASN A 5 23.62 14.35 -17.48
CA ASN A 5 22.54 15.31 -17.69
C ASN A 5 21.16 14.66 -17.50
N VAL A 6 21.15 13.54 -16.79
CA VAL A 6 19.91 12.83 -16.50
C VAL A 6 19.53 13.09 -15.05
N ARG A 7 18.23 13.19 -14.80
CA ARG A 7 17.75 13.42 -13.45
C ARG A 7 16.61 12.45 -13.18
N ASN A 8 16.79 11.59 -12.17
CA ASN A 8 15.78 10.60 -11.81
C ASN A 8 15.08 10.98 -10.50
N PHE A 9 13.79 11.26 -10.59
CA PHE A 9 13.03 11.67 -9.42
C PHE A 9 11.61 11.09 -9.35
N CYS A 10 10.99 11.26 -8.19
CA CYS A 10 9.64 10.80 -7.94
C CYS A 10 8.94 11.87 -7.11
N ILE A 11 7.61 11.80 -7.04
CA ILE A 11 6.83 12.75 -6.26
C ILE A 11 6.25 11.99 -5.08
N ILE A 12 6.47 12.49 -3.88
CA ILE A 12 5.94 11.83 -2.69
C ILE A 12 4.90 12.72 -2.02
N ALA A 13 3.67 12.21 -1.95
CA ALA A 13 2.56 12.95 -1.34
C ALA A 13 1.28 12.12 -1.26
N HIS A 14 0.44 12.42 -0.28
CA HIS A 14 -0.83 11.72 -0.10
C HIS A 14 -1.66 11.82 -1.37
N HIS A 17 -0.77 15.01 -1.33
CA HIS A 17 -1.24 16.39 -1.37
C HIS A 17 -1.18 17.00 -2.78
N GLY A 18 -1.95 16.39 -3.70
CA GLY A 18 -1.99 16.87 -5.07
C GLY A 18 -0.83 16.33 -5.90
N LYS A 19 -0.54 15.04 -5.74
CA LYS A 19 0.55 14.40 -6.46
C LYS A 19 0.33 14.31 -7.96
N SER A 20 -0.85 13.81 -8.37
CA SER A 20 -1.16 13.67 -9.79
C SER A 20 -1.14 15.00 -10.54
N THR A 21 -1.71 16.03 -9.91
CA THR A 21 -1.76 17.35 -10.52
C THR A 21 -0.37 17.84 -10.91
N LEU A 22 0.56 17.79 -9.96
CA LEU A 22 1.92 18.25 -10.20
C LEU A 22 2.58 17.55 -11.38
N ALA A 23 2.38 16.24 -11.49
CA ALA A 23 2.97 15.48 -12.58
C ALA A 23 2.46 16.04 -13.92
N ASP A 24 1.18 16.42 -13.95
CA ASP A 24 0.57 16.98 -15.15
C ASP A 24 1.20 18.33 -15.50
N ARG A 25 1.33 19.20 -14.50
CA ARG A 25 1.92 20.51 -14.70
C ARG A 25 3.34 20.37 -15.21
N LEU A 26 4.05 19.37 -14.69
CA LEU A 26 5.43 19.11 -15.09
C LEU A 26 5.52 18.71 -16.56
N LEU A 27 4.62 17.82 -16.99
CA LEU A 27 4.60 17.38 -18.38
C LEU A 27 4.20 18.48 -19.34
N GLU A 28 3.11 19.18 -19.03
CA GLU A 28 2.64 20.28 -19.88
C GLU A 28 3.75 21.29 -20.10
N TYR A 29 4.37 21.71 -19.00
CA TYR A 29 5.45 22.69 -19.06
C TYR A 29 6.59 22.21 -19.97
N THR A 30 6.97 20.95 -19.85
CA THR A 30 8.04 20.39 -20.66
C THR A 30 7.61 20.09 -22.10
N GLY A 31 6.64 19.22 -22.26
CA GLY A 31 6.17 18.88 -23.60
C GLY A 31 5.36 19.98 -24.24
N ALA A 32 4.19 20.25 -23.67
CA ALA A 32 3.29 21.29 -24.17
C ALA A 32 3.91 22.68 -24.01
N VAL A 56 -2.62 2.79 -20.36
CA VAL A 56 -1.56 2.35 -19.45
C VAL A 56 -1.32 3.41 -18.38
N LYS A 57 -1.25 2.97 -17.12
CA LYS A 57 -1.03 3.89 -16.01
C LYS A 57 0.19 4.77 -16.32
N MET A 58 0.21 5.99 -15.78
CA MET A 58 1.34 6.88 -16.00
C MET A 58 2.53 6.40 -15.18
N GLN A 59 3.63 6.07 -15.83
CA GLN A 59 4.82 5.59 -15.15
C GLN A 59 6.04 5.71 -16.04
N ALA A 60 7.22 5.83 -15.43
CA ALA A 60 8.47 5.94 -16.16
C ALA A 60 8.34 6.95 -17.29
N VAL A 61 8.00 8.18 -16.93
CA VAL A 61 7.83 9.24 -17.91
C VAL A 61 9.15 9.96 -18.16
N ARG A 62 9.50 10.09 -19.43
CA ARG A 62 10.74 10.77 -19.83
C ARG A 62 10.44 12.15 -20.36
N MET A 63 11.12 13.14 -19.82
CA MET A 63 10.92 14.52 -20.24
C MET A 63 12.26 15.15 -20.54
N PHE A 64 12.25 16.16 -21.39
CA PHE A 64 13.46 16.89 -21.74
C PHE A 64 13.24 18.31 -21.24
N TYR A 65 14.28 18.87 -20.63
CA TYR A 65 14.20 20.22 -20.08
C TYR A 65 15.52 20.97 -20.23
N LYS A 66 15.46 22.11 -20.91
CA LYS A 66 16.65 22.94 -21.07
C LYS A 66 16.63 23.90 -19.88
N ALA A 67 17.60 23.73 -18.98
CA ALA A 67 17.67 24.57 -17.79
C ALA A 67 18.22 25.97 -18.08
N LYS A 68 18.19 26.81 -17.05
CA LYS A 68 18.67 28.18 -17.18
C LYS A 68 20.14 28.21 -17.57
N ASP A 69 20.86 27.16 -17.19
CA ASP A 69 22.28 27.07 -17.51
C ASP A 69 22.51 26.82 -19.00
N GLY A 70 21.42 26.72 -19.75
CA GLY A 70 21.53 26.50 -21.18
C GLY A 70 21.49 25.04 -21.62
N ASN A 71 21.90 24.13 -20.75
CA ASN A 71 21.92 22.71 -21.08
C ASN A 71 20.55 22.05 -21.05
N THR A 72 20.38 21.02 -21.89
CA THR A 72 19.13 20.29 -21.94
C THR A 72 19.28 19.02 -21.11
N TYR A 73 18.28 18.74 -20.28
CA TYR A 73 18.32 17.59 -19.40
C TYR A 73 17.22 16.57 -19.67
N LYS A 74 17.58 15.29 -19.47
CA LYS A 74 16.65 14.18 -19.66
C LYS A 74 16.12 13.82 -18.27
N LEU A 75 14.86 14.17 -18.01
CA LEU A 75 14.24 13.91 -16.71
C LEU A 75 13.30 12.72 -16.72
N HIS A 76 13.47 11.84 -15.74
CA HIS A 76 12.62 10.66 -15.60
C HIS A 76 11.75 10.79 -14.35
N LEU A 77 10.44 10.76 -14.54
CA LEU A 77 9.51 10.86 -13.44
C LEU A 77 8.99 9.46 -13.12
N ILE A 78 9.19 9.05 -11.87
CA ILE A 78 8.74 7.76 -11.41
C ILE A 78 7.54 7.97 -10.50
N ASP A 79 6.44 7.33 -10.86
CA ASP A 79 5.20 7.44 -10.09
C ASP A 79 5.28 6.47 -8.92
N THR A 80 4.81 6.90 -7.75
CA THR A 80 4.84 6.04 -6.57
C THR A 80 3.47 5.98 -5.92
N PRO A 81 3.17 4.86 -5.26
CA PRO A 81 1.87 4.74 -4.58
C PRO A 81 2.01 5.51 -3.26
N GLY A 82 0.91 5.80 -2.59
CA GLY A 82 1.01 6.54 -1.34
C GLY A 82 0.71 5.77 -0.06
N HIS A 83 -0.38 5.00 -0.09
CA HIS A 83 -0.84 4.24 1.06
C HIS A 83 0.17 3.26 1.67
N VAL A 84 0.06 3.07 2.98
CA VAL A 84 0.95 2.16 3.71
C VAL A 84 0.84 0.73 3.19
N ASP A 85 -0.30 0.37 2.63
CA ASP A 85 -0.49 -0.98 2.08
C ASP A 85 0.59 -1.33 1.04
N PHE A 86 1.04 -0.31 0.31
CA PHE A 86 2.03 -0.49 -0.75
C PHE A 86 3.42 0.02 -0.36
N SER A 87 3.71 -0.03 0.93
CA SER A 87 4.98 0.41 1.45
C SER A 87 6.21 -0.17 0.75
N TYR A 88 6.22 -1.48 0.55
CA TYR A 88 7.35 -2.11 -0.12
C TYR A 88 7.53 -1.54 -1.53
N GLU A 89 6.43 -1.40 -2.24
CA GLU A 89 6.46 -0.85 -3.59
C GLU A 89 6.93 0.60 -3.59
N VAL A 90 6.57 1.36 -2.57
CA VAL A 90 7.02 2.76 -2.51
C VAL A 90 8.53 2.78 -2.38
N SER A 91 9.07 1.92 -1.51
CA SER A 91 10.51 1.85 -1.31
C SER A 91 11.29 1.45 -2.55
N ARG A 92 10.74 0.50 -3.32
CA ARG A 92 11.42 0.06 -4.53
C ARG A 92 11.46 1.20 -5.54
N ALA A 93 10.37 1.96 -5.64
CA ALA A 93 10.32 3.09 -6.56
C ALA A 93 11.36 4.13 -6.11
N LEU A 94 11.44 4.35 -4.79
CA LEU A 94 12.40 5.31 -4.26
C LEU A 94 13.83 4.89 -4.56
N ALA A 95 14.11 3.59 -4.47
CA ALA A 95 15.44 3.07 -4.74
C ALA A 95 15.84 3.27 -6.20
N ALA A 96 14.87 3.59 -7.06
CA ALA A 96 15.15 3.79 -8.49
C ALA A 96 15.49 5.24 -8.83
N CYS A 97 15.30 6.14 -7.87
CA CYS A 97 15.54 7.57 -8.08
C CYS A 97 16.78 8.09 -7.35
N GLU A 98 17.16 9.33 -7.67
CA GLU A 98 18.28 10.01 -7.01
C GLU A 98 17.67 11.11 -6.14
N GLY A 99 16.40 11.43 -6.40
CA GLY A 99 15.76 12.48 -5.63
C GLY A 99 14.24 12.38 -5.56
N ALA A 100 13.64 13.20 -4.72
CA ALA A 100 12.20 13.19 -4.54
C ALA A 100 11.62 14.57 -4.24
N LEU A 101 10.45 14.83 -4.79
CA LEU A 101 9.75 16.08 -4.52
C LEU A 101 8.80 15.70 -3.39
N LEU A 102 9.02 16.29 -2.21
CA LEU A 102 8.16 15.99 -1.08
C LEU A 102 7.07 17.06 -1.01
N LEU A 103 5.86 16.69 -1.42
CA LEU A 103 4.74 17.62 -1.41
C LEU A 103 4.09 17.76 -0.05
N ILE A 104 3.95 19.00 0.41
CA ILE A 104 3.31 19.27 1.68
C ILE A 104 2.26 20.35 1.46
N ASP A 105 1.04 20.09 1.94
CA ASP A 105 -0.04 21.06 1.80
C ASP A 105 0.22 22.26 2.71
N ALA A 106 0.02 23.47 2.18
CA ALA A 106 0.25 24.69 2.93
C ALA A 106 -0.67 24.85 4.15
N SER A 107 -1.83 24.22 4.10
CA SER A 107 -2.81 24.31 5.19
C SER A 107 -2.62 23.21 6.23
N GLN A 108 -2.69 21.96 5.77
CA GLN A 108 -2.53 20.81 6.65
C GLN A 108 -1.14 20.74 7.28
N GLY A 109 -0.13 21.10 6.50
CA GLY A 109 1.23 21.00 7.01
C GLY A 109 1.66 19.55 6.90
N ILE A 110 2.64 19.14 7.68
CA ILE A 110 3.11 17.76 7.64
C ILE A 110 2.12 16.77 8.24
N GLU A 111 1.94 15.64 7.57
CA GLU A 111 1.06 14.57 8.04
C GLU A 111 1.89 13.34 8.36
N ALA A 112 1.26 12.32 8.96
CA ALA A 112 1.97 11.10 9.32
C ALA A 112 2.60 10.43 8.11
N GLN A 113 1.85 10.38 7.00
CA GLN A 113 2.36 9.78 5.78
C GLN A 113 3.57 10.59 5.31
N THR A 114 3.46 11.91 5.43
CA THR A 114 4.54 12.82 5.02
C THR A 114 5.85 12.44 5.70
N VAL A 115 5.79 12.27 7.02
CA VAL A 115 6.97 11.91 7.80
C VAL A 115 7.46 10.51 7.44
N ALA A 116 6.53 9.56 7.36
CA ALA A 116 6.91 8.18 7.01
C ALA A 116 7.62 8.14 5.65
N ASN A 117 7.02 8.76 4.64
CA ASN A 117 7.63 8.76 3.32
C ASN A 117 8.97 9.48 3.31
N PHE A 118 9.06 10.54 4.10
CA PHE A 118 10.29 11.31 4.21
C PHE A 118 11.42 10.36 4.58
N TRP A 119 11.24 9.65 5.68
CA TRP A 119 12.23 8.69 6.18
C TRP A 119 12.57 7.57 5.21
N LYS A 120 11.59 7.12 4.43
CA LYS A 120 11.87 6.09 3.46
C LYS A 120 12.76 6.69 2.37
N ALA A 121 12.53 7.97 2.04
CA ALA A 121 13.34 8.62 1.02
C ALA A 121 14.77 8.74 1.55
N VAL A 122 14.89 9.18 2.81
CA VAL A 122 16.19 9.31 3.45
C VAL A 122 16.90 7.96 3.46
N GLU A 123 16.13 6.91 3.74
CA GLU A 123 16.61 5.55 3.80
C GLU A 123 17.25 5.12 2.48
N GLN A 124 16.77 5.72 1.38
CA GLN A 124 17.29 5.39 0.06
C GLN A 124 18.25 6.48 -0.45
N ASP A 125 18.83 7.23 0.49
CA ASP A 125 19.78 8.31 0.17
C ASP A 125 19.34 9.27 -0.92
N LEU A 126 18.09 9.72 -0.86
CA LEU A 126 17.57 10.63 -1.88
C LEU A 126 17.70 12.09 -1.46
N VAL A 127 17.86 12.96 -2.46
CA VAL A 127 17.91 14.39 -2.20
C VAL A 127 16.41 14.76 -2.15
N ILE A 128 15.99 15.35 -1.05
CA ILE A 128 14.59 15.70 -0.89
C ILE A 128 14.31 17.18 -1.14
N ILE A 129 13.38 17.44 -2.05
CA ILE A 129 13.00 18.79 -2.40
C ILE A 129 11.58 19.02 -1.89
N PRO A 130 11.45 19.72 -0.76
CA PRO A 130 10.13 19.99 -0.19
C PRO A 130 9.36 20.99 -1.05
N VAL A 131 8.13 20.64 -1.39
CA VAL A 131 7.29 21.50 -2.20
C VAL A 131 5.98 21.78 -1.48
N ILE A 132 5.78 23.04 -1.11
CA ILE A 132 4.57 23.46 -0.42
C ILE A 132 3.60 24.01 -1.46
N ASN A 133 2.52 23.29 -1.69
CA ASN A 133 1.54 23.71 -2.68
C ASN A 133 0.25 24.23 -2.02
N LYS A 134 -0.71 24.60 -2.86
CA LYS A 134 -1.99 25.13 -2.38
C LYS A 134 -1.74 26.39 -1.54
N ILE A 135 -0.70 27.13 -1.91
CA ILE A 135 -0.33 28.36 -1.21
C ILE A 135 -1.45 29.41 -1.30
N ASP A 136 -2.29 29.26 -2.32
CA ASP A 136 -3.40 30.18 -2.58
C ASP A 136 -4.52 30.16 -1.55
N LEU A 137 -4.85 28.97 -1.03
CA LEU A 137 -5.94 28.83 -0.07
C LEU A 137 -5.79 29.75 1.15
N PRO A 138 -6.91 30.33 1.60
CA PRO A 138 -6.95 31.24 2.75
C PRO A 138 -6.45 30.56 4.02
N SER A 139 -6.59 29.23 4.06
CA SER A 139 -6.18 28.45 5.21
C SER A 139 -4.67 28.19 5.20
N ALA A 140 -4.04 28.44 4.06
CA ALA A 140 -2.60 28.23 3.90
C ALA A 140 -1.79 29.01 4.92
N ASP A 141 -0.74 28.37 5.45
CA ASP A 141 0.15 28.98 6.43
C ASP A 141 1.58 28.51 6.18
N VAL A 142 2.17 29.04 5.10
CA VAL A 142 3.53 28.68 4.69
C VAL A 142 4.58 28.76 5.79
N ASP A 143 4.59 29.84 6.55
CA ASP A 143 5.56 30.01 7.62
C ASP A 143 5.53 28.85 8.61
N ARG A 144 4.32 28.38 8.92
CA ARG A 144 4.18 27.27 9.85
C ARG A 144 4.81 26.02 9.26
N VAL A 145 4.42 25.70 8.02
CA VAL A 145 4.95 24.53 7.33
C VAL A 145 6.48 24.60 7.24
N LYS A 146 7.01 25.77 6.91
CA LYS A 146 8.46 25.92 6.81
C LYS A 146 9.06 25.56 8.16
N LYS A 147 8.42 26.02 9.22
CA LYS A 147 8.88 25.75 10.57
C LYS A 147 8.91 24.24 10.83
N GLN A 148 7.86 23.55 10.38
CA GLN A 148 7.80 22.11 10.57
C GLN A 148 8.91 21.43 9.77
N ILE A 149 9.13 21.90 8.55
CA ILE A 149 10.17 21.33 7.69
C ILE A 149 11.55 21.40 8.34
N GLU A 150 11.77 22.45 9.11
CA GLU A 150 13.05 22.63 9.78
C GLU A 150 13.16 21.86 11.08
N GLU A 151 12.15 21.98 11.92
CA GLU A 151 12.15 21.32 13.22
C GLU A 151 11.86 19.83 13.19
N VAL A 152 10.96 19.41 12.31
CA VAL A 152 10.61 18.00 12.23
C VAL A 152 11.44 17.23 11.22
N LEU A 153 11.61 17.76 10.01
CA LEU A 153 12.38 17.09 8.99
C LEU A 153 13.87 17.41 9.05
N GLY A 154 14.19 18.54 9.67
CA GLY A 154 15.59 18.93 9.79
C GLY A 154 16.15 19.43 8.47
N LEU A 155 15.28 19.98 7.64
CA LEU A 155 15.71 20.51 6.34
C LEU A 155 15.78 22.03 6.43
N ASP A 156 16.27 22.65 5.37
CA ASP A 156 16.39 24.10 5.30
C ASP A 156 15.10 24.70 4.73
N PRO A 157 14.31 25.37 5.59
CA PRO A 157 13.06 25.99 5.16
C PRO A 157 13.22 26.84 3.91
N GLU A 158 14.42 27.39 3.74
CA GLU A 158 14.73 28.24 2.61
C GLU A 158 14.78 27.51 1.27
N GLU A 159 15.02 26.21 1.31
CA GLU A 159 15.08 25.44 0.07
C GLU A 159 13.73 24.87 -0.33
N ALA A 160 12.70 25.19 0.45
CA ALA A 160 11.36 24.73 0.13
C ALA A 160 10.86 25.52 -1.06
N ILE A 161 10.11 24.87 -1.95
CA ILE A 161 9.57 25.54 -3.12
C ILE A 161 8.07 25.75 -2.96
N LEU A 162 7.61 26.96 -3.24
CA LEU A 162 6.19 27.28 -3.10
C LEU A 162 5.46 27.08 -4.42
N ALA A 163 4.37 26.32 -4.38
CA ALA A 163 3.60 26.03 -5.58
C ALA A 163 2.12 26.38 -5.42
N SER A 164 1.46 26.59 -6.55
CA SER A 164 0.04 26.92 -6.57
C SER A 164 -0.51 26.60 -7.95
N ALA A 165 -1.25 25.50 -8.06
CA ALA A 165 -1.82 25.06 -9.32
C ALA A 165 -2.70 26.12 -9.98
N LYS A 166 -3.77 26.51 -9.29
CA LYS A 166 -4.70 27.50 -9.82
C LYS A 166 -4.01 28.79 -10.25
N GLU A 167 -3.05 29.27 -9.47
CA GLU A 167 -2.34 30.50 -9.82
C GLU A 167 -1.22 30.24 -10.84
N GLY A 168 -0.85 28.97 -10.97
CA GLY A 168 0.19 28.59 -11.92
C GLY A 168 1.60 29.05 -11.61
N ILE A 169 2.13 28.65 -10.46
CA ILE A 169 3.49 29.04 -10.09
C ILE A 169 4.26 27.89 -9.44
N GLY A 170 5.59 27.94 -9.54
CA GLY A 170 6.44 26.92 -8.95
C GLY A 170 7.06 25.89 -9.88
N ILE A 171 6.45 25.65 -11.03
CA ILE A 171 6.96 24.65 -11.97
C ILE A 171 8.41 24.84 -12.40
N GLU A 172 8.71 25.99 -12.99
CA GLU A 172 10.07 26.26 -13.43
C GLU A 172 11.03 26.13 -12.27
N GLU A 173 10.62 26.65 -11.11
CA GLU A 173 11.46 26.59 -9.94
C GLU A 173 11.68 25.12 -9.55
N ILE A 174 10.63 24.31 -9.70
CA ILE A 174 10.71 22.89 -9.38
C ILE A 174 11.68 22.18 -10.33
N LEU A 175 11.51 22.42 -11.63
CA LEU A 175 12.38 21.81 -12.63
C LEU A 175 13.83 22.23 -12.42
N GLU A 176 14.04 23.50 -12.09
CA GLU A 176 15.39 24.01 -11.85
C GLU A 176 16.02 23.33 -10.64
N ALA A 177 15.22 23.12 -9.60
CA ALA A 177 15.71 22.48 -8.38
C ALA A 177 16.11 21.04 -8.66
N ILE A 178 15.36 20.38 -9.53
CA ILE A 178 15.64 19.00 -9.91
C ILE A 178 16.99 18.94 -10.63
N VAL A 179 17.19 19.85 -11.58
CA VAL A 179 18.43 19.91 -12.33
C VAL A 179 19.61 20.26 -11.43
N ASN A 180 19.45 21.31 -10.63
CA ASN A 180 20.53 21.78 -9.75
C ASN A 180 20.76 21.05 -8.44
N ARG A 181 19.72 20.42 -7.86
CA ARG A 181 19.90 19.74 -6.58
C ARG A 181 20.05 18.21 -6.62
N ILE A 182 19.32 17.56 -7.53
CA ILE A 182 19.41 16.10 -7.62
C ILE A 182 20.64 15.71 -8.43
N PRO A 183 21.47 14.81 -7.89
CA PRO A 183 22.67 14.40 -8.62
C PRO A 183 22.30 13.48 -9.78
N PRO A 184 23.15 13.39 -10.81
CA PRO A 184 22.84 12.52 -11.94
C PRO A 184 23.03 11.06 -11.55
N PRO A 185 22.50 10.14 -12.36
CA PRO A 185 22.65 8.73 -12.02
C PRO A 185 24.09 8.27 -12.16
N LYS A 186 24.50 7.37 -11.29
CA LYS A 186 25.84 6.81 -11.33
C LYS A 186 25.68 5.37 -11.80
N GLY A 187 26.50 4.98 -12.76
CA GLY A 187 26.41 3.63 -13.28
C GLY A 187 27.29 3.55 -14.51
N ASP A 188 27.68 2.34 -14.88
CA ASP A 188 28.56 2.13 -16.02
C ASP A 188 27.84 1.40 -17.15
N PRO A 189 27.64 2.08 -18.30
CA PRO A 189 26.97 1.45 -19.43
C PRO A 189 27.74 0.26 -20.00
N GLN A 190 29.00 0.12 -19.61
CA GLN A 190 29.83 -0.98 -20.10
C GLN A 190 29.84 -2.19 -19.17
N LYS A 191 29.45 -2.01 -17.92
CA LYS A 191 29.40 -3.12 -16.98
C LYS A 191 28.20 -4.00 -17.30
N PRO A 192 28.13 -5.22 -16.72
CA PRO A 192 27.00 -6.10 -17.00
C PRO A 192 25.69 -5.42 -16.61
N LEU A 193 24.65 -5.67 -17.39
CA LEU A 193 23.34 -5.10 -17.14
C LEU A 193 22.86 -5.37 -15.71
N LYS A 194 22.22 -4.35 -15.12
CA LYS A 194 21.69 -4.44 -13.78
C LYS A 194 20.54 -3.44 -13.73
N ALA A 195 19.32 -3.93 -13.90
CA ALA A 195 18.14 -3.08 -13.91
C ALA A 195 17.19 -3.46 -12.79
N LEU A 196 16.72 -2.46 -12.03
CA LEU A 196 15.80 -2.70 -10.92
C LEU A 196 14.37 -2.59 -11.41
N ILE A 197 13.54 -3.56 -11.07
CA ILE A 197 12.13 -3.50 -11.45
C ILE A 197 11.43 -2.78 -10.29
N PHE A 198 10.77 -1.66 -10.58
CA PHE A 198 10.07 -0.95 -9.52
C PHE A 198 8.57 -0.92 -9.72
N ASP A 199 8.10 -1.39 -10.87
CA ASP A 199 6.66 -1.43 -11.14
C ASP A 199 6.41 -2.34 -12.36
N SER A 200 5.15 -2.57 -12.68
CA SER A 200 4.80 -3.42 -13.80
C SER A 200 3.31 -3.36 -14.06
N TYR A 201 2.89 -3.98 -15.16
CA TYR A 201 1.48 -4.04 -15.53
C TYR A 201 1.39 -5.10 -16.62
N TYR A 202 0.19 -5.58 -16.89
CA TYR A 202 0.04 -6.59 -17.93
C TYR A 202 -0.50 -5.96 -19.21
N ASP A 203 0.23 -6.15 -20.30
CA ASP A 203 -0.17 -5.60 -21.60
C ASP A 203 -0.68 -6.76 -22.46
N PRO A 204 -1.95 -6.72 -22.87
CA PRO A 204 -2.52 -7.78 -23.71
C PRO A 204 -1.74 -8.07 -24.98
N TYR A 205 -0.95 -7.11 -25.41
CA TYR A 205 -0.16 -7.27 -26.64
C TYR A 205 1.32 -7.49 -26.35
N ARG A 206 1.88 -6.70 -25.44
CA ARG A 206 3.29 -6.82 -25.11
C ARG A 206 3.57 -7.86 -24.01
N GLY A 207 2.51 -8.32 -23.35
CA GLY A 207 2.68 -9.29 -22.27
C GLY A 207 2.95 -8.54 -20.98
N ALA A 208 3.53 -9.21 -19.98
CA ALA A 208 3.83 -8.56 -18.71
C ALA A 208 5.00 -7.59 -18.92
N VAL A 209 4.76 -6.31 -18.64
CA VAL A 209 5.77 -5.29 -18.84
C VAL A 209 6.39 -4.82 -17.52
N ALA A 210 7.71 -4.75 -17.49
CA ALA A 210 8.41 -4.30 -16.30
C ALA A 210 8.90 -2.88 -16.49
N PHE A 211 8.59 -2.02 -15.52
CA PHE A 211 9.08 -0.65 -15.54
C PHE A 211 10.38 -0.75 -14.74
N VAL A 212 11.49 -0.35 -15.35
CA VAL A 212 12.77 -0.48 -14.68
C VAL A 212 13.65 0.75 -14.64
N ARG A 213 14.67 0.68 -13.79
CA ARG A 213 15.67 1.74 -13.68
C ARG A 213 16.94 0.98 -14.04
N ILE A 214 17.69 1.49 -15.02
CA ILE A 214 18.94 0.84 -15.41
C ILE A 214 20.07 1.43 -14.56
N PHE A 215 20.77 0.60 -13.78
CA PHE A 215 21.90 1.09 -12.99
C PHE A 215 23.17 0.91 -13.82
N ASP A 216 23.47 -0.32 -14.24
CA ASP A 216 24.64 -0.63 -15.07
C ASP A 216 24.22 -1.26 -16.40
N GLY A 217 25.12 -1.18 -17.38
CA GLY A 217 24.87 -1.79 -18.68
C GLY A 217 23.86 -1.15 -19.61
N GLU A 218 23.40 -1.95 -20.56
CA GLU A 218 22.42 -1.49 -21.55
C GLU A 218 21.56 -2.68 -21.93
N VAL A 219 20.34 -2.42 -22.37
CA VAL A 219 19.44 -3.50 -22.76
C VAL A 219 18.72 -3.07 -24.03
N LYS A 220 18.51 -4.01 -24.94
CA LYS A 220 17.86 -3.69 -26.20
C LYS A 220 17.12 -4.93 -26.72
N PRO A 221 16.15 -4.72 -27.62
CA PRO A 221 15.38 -5.84 -28.18
C PRO A 221 16.33 -6.93 -28.70
N GLY A 222 15.94 -8.19 -28.51
CA GLY A 222 16.78 -9.28 -28.98
C GLY A 222 17.72 -9.78 -27.89
N ASP A 223 17.94 -8.98 -26.86
CA ASP A 223 18.81 -9.38 -25.76
C ASP A 223 18.17 -10.52 -24.96
N LYS A 224 19.00 -11.45 -24.49
CA LYS A 224 18.53 -12.55 -23.67
C LYS A 224 18.77 -12.12 -22.21
N ILE A 225 17.68 -11.80 -21.51
CA ILE A 225 17.76 -11.35 -20.12
C ILE A 225 17.49 -12.47 -19.09
N MET A 226 17.77 -12.18 -17.83
CA MET A 226 17.57 -13.14 -16.74
C MET A 226 17.06 -12.43 -15.48
N LEU A 227 16.12 -13.06 -14.79
CA LEU A 227 15.57 -12.50 -13.55
C LEU A 227 16.34 -13.16 -12.41
N MET A 228 17.08 -12.35 -11.67
CA MET A 228 17.93 -12.84 -10.60
C MET A 228 17.33 -13.59 -9.41
N SER A 229 16.09 -13.30 -9.04
CA SER A 229 15.47 -14.01 -7.92
C SER A 229 15.00 -15.41 -8.35
N THR A 230 14.75 -15.57 -9.65
CA THR A 230 14.25 -16.84 -10.17
C THR A 230 15.19 -17.58 -11.11
N GLY A 231 16.01 -16.83 -11.83
CA GLY A 231 16.92 -17.44 -12.78
C GLY A 231 16.20 -17.77 -14.09
N LYS A 232 15.02 -17.19 -14.27
CA LYS A 232 14.24 -17.41 -15.49
C LYS A 232 14.81 -16.49 -16.57
N GLU A 233 14.84 -16.98 -17.80
CA GLU A 233 15.38 -16.19 -18.92
C GLU A 233 14.35 -15.86 -19.97
N TYR A 234 14.54 -14.71 -20.63
CA TYR A 234 13.63 -14.22 -21.65
C TYR A 234 14.39 -13.49 -22.75
N GLU A 235 13.72 -13.27 -23.88
CA GLU A 235 14.34 -12.51 -24.98
C GLU A 235 13.55 -11.22 -25.10
N VAL A 236 14.23 -10.10 -24.92
CA VAL A 236 13.58 -8.80 -24.99
C VAL A 236 12.94 -8.58 -26.36
N THR A 237 11.74 -8.02 -26.37
CA THR A 237 11.05 -7.75 -27.61
C THR A 237 10.95 -6.24 -27.84
N GLU A 238 10.95 -5.49 -26.74
CA GLU A 238 10.78 -4.05 -26.85
C GLU A 238 11.20 -3.31 -25.58
N VAL A 239 11.74 -2.11 -25.75
CA VAL A 239 12.16 -1.26 -24.64
C VAL A 239 11.79 0.17 -24.98
N GLY A 240 11.56 0.98 -23.95
CA GLY A 240 11.21 2.36 -24.17
C GLY A 240 10.78 3.06 -22.91
N ALA A 241 9.95 4.09 -23.05
CA ALA A 241 9.45 4.83 -21.92
C ALA A 241 8.18 5.58 -22.33
N GLN A 242 7.52 6.21 -21.37
CA GLN A 242 6.32 6.98 -21.65
C GLN A 242 6.77 8.41 -21.97
N THR A 243 6.22 8.97 -23.04
CA THR A 243 6.67 10.29 -23.47
C THR A 243 5.60 11.33 -23.83
N PRO A 244 4.43 11.30 -23.19
CA PRO A 244 3.92 10.39 -22.16
C PRO A 244 3.36 9.09 -22.71
N LYS A 245 3.28 8.99 -24.03
CA LYS A 245 2.76 7.76 -24.64
C LYS A 245 3.86 6.72 -24.57
N MET A 246 3.45 5.45 -24.53
CA MET A 246 4.41 4.35 -24.50
C MET A 246 5.16 4.40 -25.81
N THR A 247 6.42 4.80 -25.75
CA THR A 247 7.25 4.93 -26.95
C THR A 247 8.45 3.99 -26.95
N LYS A 248 8.63 3.26 -28.05
CA LYS A 248 9.75 2.33 -28.16
C LYS A 248 11.06 3.06 -28.47
N PHE A 249 12.13 2.67 -27.79
CA PHE A 249 13.45 3.28 -28.03
C PHE A 249 14.31 2.15 -28.58
N ASP A 250 15.48 2.50 -29.12
CA ASP A 250 16.37 1.48 -29.64
C ASP A 250 17.03 0.75 -28.48
N LYS A 251 17.06 1.40 -27.31
CA LYS A 251 17.68 0.81 -26.13
C LYS A 251 17.46 1.65 -24.87
N LEU A 252 18.00 1.17 -23.75
CA LEU A 252 17.94 1.85 -22.46
C LEU A 252 19.34 1.66 -21.90
N SER A 253 19.96 2.74 -21.43
CA SER A 253 21.32 2.66 -20.91
C SER A 253 21.44 3.07 -19.46
N ALA A 254 22.60 2.83 -18.88
CA ALA A 254 22.85 3.17 -17.50
C ALA A 254 22.28 4.57 -17.21
N GLY A 255 21.44 4.65 -16.17
CA GLY A 255 20.85 5.93 -15.81
C GLY A 255 19.42 6.11 -16.30
N ASP A 256 19.04 5.40 -17.35
CA ASP A 256 17.71 5.49 -17.92
C ASP A 256 16.61 4.81 -17.08
N VAL A 257 15.39 5.26 -17.31
CA VAL A 257 14.21 4.71 -16.67
C VAL A 257 13.28 4.44 -17.86
N GLY A 258 12.68 3.27 -17.89
CA GLY A 258 11.78 2.94 -18.98
C GLY A 258 11.03 1.65 -18.71
N TYR A 259 10.73 0.92 -19.79
CA TYR A 259 10.02 -0.33 -19.65
C TYR A 259 10.69 -1.37 -20.50
N ILE A 260 10.42 -2.63 -20.19
CA ILE A 260 10.98 -3.76 -20.93
C ILE A 260 9.90 -4.81 -21.14
N ALA A 261 9.76 -5.28 -22.37
CA ALA A 261 8.81 -6.34 -22.69
C ALA A 261 9.65 -7.49 -23.22
N ALA A 262 9.23 -8.73 -22.97
CA ALA A 262 10.01 -9.88 -23.42
C ALA A 262 9.19 -11.15 -23.44
N SER A 263 7.98 -11.07 -23.98
CA SER A 263 7.09 -12.23 -24.04
C SER A 263 6.95 -12.86 -22.65
N ILE A 264 6.81 -12.02 -21.61
CA ILE A 264 6.67 -12.52 -20.24
C ILE A 264 5.20 -12.84 -19.99
N LYS A 265 4.95 -14.06 -19.51
CA LYS A 265 3.60 -14.57 -19.27
C LYS A 265 2.77 -13.80 -18.26
N ASP A 266 3.34 -13.48 -17.10
CA ASP A 266 2.56 -12.71 -16.12
C ASP A 266 3.38 -11.87 -15.16
N VAL A 267 2.72 -10.89 -14.56
CA VAL A 267 3.38 -9.97 -13.64
C VAL A 267 4.06 -10.63 -12.44
N ARG A 268 3.77 -11.89 -12.15
CA ARG A 268 4.42 -12.56 -11.03
C ARG A 268 5.81 -13.07 -11.41
N ASP A 269 6.15 -12.98 -12.70
CA ASP A 269 7.46 -13.40 -13.18
C ASP A 269 8.43 -12.23 -13.12
N ILE A 270 7.89 -11.02 -13.01
CA ILE A 270 8.71 -9.81 -12.93
C ILE A 270 8.31 -9.03 -11.69
N ARG A 271 8.49 -9.68 -10.55
CA ARG A 271 8.14 -9.10 -9.27
C ARG A 271 8.92 -7.83 -8.96
N ILE A 272 8.21 -6.86 -8.40
CA ILE A 272 8.79 -5.58 -8.04
C ILE A 272 9.93 -5.83 -7.05
N GLY A 273 11.05 -5.15 -7.27
CA GLY A 273 12.21 -5.31 -6.40
C GLY A 273 13.24 -6.27 -6.95
N ASP A 274 12.85 -7.01 -7.98
CA ASP A 274 13.74 -7.99 -8.59
C ASP A 274 14.72 -7.28 -9.52
N THR A 275 15.81 -7.97 -9.86
CA THR A 275 16.80 -7.38 -10.74
C THR A 275 16.83 -8.07 -12.10
N ILE A 276 16.93 -7.28 -13.16
CA ILE A 276 17.01 -7.84 -14.50
C ILE A 276 18.44 -7.65 -14.98
N THR A 277 19.07 -8.74 -15.43
CA THR A 277 20.45 -8.70 -15.92
C THR A 277 20.53 -9.49 -17.24
N HIS A 278 21.73 -9.70 -17.76
CA HIS A 278 21.89 -10.48 -18.99
C HIS A 278 22.13 -11.95 -18.65
N ALA A 279 21.49 -12.83 -19.40
CA ALA A 279 21.62 -14.27 -19.20
C ALA A 279 23.05 -14.80 -19.31
N LYS A 280 23.77 -14.38 -20.34
CA LYS A 280 25.14 -14.85 -20.55
C LYS A 280 26.18 -14.08 -19.75
N ASN A 281 26.04 -12.76 -19.66
CA ASN A 281 26.99 -11.94 -18.93
C ASN A 281 26.28 -11.24 -17.76
N PRO A 282 25.89 -12.01 -16.73
CA PRO A 282 25.18 -11.50 -15.55
C PRO A 282 25.98 -10.62 -14.59
N THR A 283 25.31 -9.61 -14.03
CA THR A 283 25.94 -8.70 -13.08
C THR A 283 26.30 -9.52 -11.85
N LYS A 284 27.24 -9.03 -11.04
CA LYS A 284 27.71 -9.73 -9.86
C LYS A 284 26.65 -10.01 -8.79
N GLU A 285 25.93 -8.96 -8.40
CA GLU A 285 24.92 -9.07 -7.37
C GLU A 285 23.65 -8.36 -7.81
N PRO A 286 22.50 -8.78 -7.26
CA PRO A 286 21.26 -8.10 -7.65
C PRO A 286 21.11 -6.85 -6.80
N VAL A 287 20.21 -5.96 -7.20
CA VAL A 287 19.98 -4.76 -6.40
C VAL A 287 19.48 -5.33 -5.07
N PRO A 288 19.98 -4.79 -3.95
CA PRO A 288 19.53 -5.31 -2.65
C PRO A 288 18.10 -4.87 -2.29
N GLY A 289 17.44 -5.63 -1.40
CA GLY A 289 16.09 -5.27 -0.99
C GLY A 289 14.93 -6.03 -1.60
N PHE A 290 15.21 -7.10 -2.33
CA PHE A 290 14.11 -7.86 -2.93
C PHE A 290 13.28 -8.60 -1.90
N GLN A 291 11.96 -8.54 -2.06
CA GLN A 291 11.02 -9.23 -1.16
C GLN A 291 9.77 -9.62 -1.94
N PRO A 292 9.34 -10.88 -1.81
CA PRO A 292 8.13 -11.27 -2.54
C PRO A 292 6.93 -10.55 -1.92
N ALA A 293 5.81 -10.54 -2.63
CA ALA A 293 4.60 -9.88 -2.13
C ALA A 293 4.20 -10.55 -0.82
N LYS A 294 3.75 -9.76 0.15
CA LYS A 294 3.35 -10.32 1.44
C LYS A 294 1.94 -9.94 1.90
N PRO A 295 0.95 -10.81 1.61
CA PRO A 295 -0.43 -10.55 2.01
C PRO A 295 -0.47 -10.40 3.54
N MET A 296 -1.28 -9.46 4.03
CA MET A 296 -1.40 -9.21 5.46
C MET A 296 -2.82 -9.27 6.01
N VAL A 297 -3.80 -9.04 5.16
CA VAL A 297 -5.19 -9.06 5.60
C VAL A 297 -6.02 -9.91 4.65
N TYR A 298 -6.78 -10.83 5.22
CA TYR A 298 -7.63 -11.72 4.45
C TYR A 298 -9.11 -11.47 4.75
N ALA A 299 -9.95 -11.87 3.80
CA ALA A 299 -11.40 -11.75 3.95
C ALA A 299 -12.05 -12.74 3.02
N GLY A 300 -13.26 -13.18 3.36
CA GLY A 300 -13.96 -14.09 2.51
C GLY A 300 -14.81 -13.30 1.53
N ILE A 301 -14.77 -13.64 0.25
CA ILE A 301 -15.58 -12.95 -0.74
C ILE A 301 -16.51 -13.94 -1.41
N TYR A 302 -17.80 -13.66 -1.31
CA TYR A 302 -18.85 -14.52 -1.85
C TYR A 302 -19.74 -13.79 -2.87
N PRO A 303 -20.33 -14.55 -3.81
CA PRO A 303 -21.20 -13.91 -4.81
C PRO A 303 -22.48 -13.41 -4.14
N ALA A 304 -22.98 -12.27 -4.59
CA ALA A 304 -24.19 -11.69 -4.03
C ALA A 304 -25.22 -11.45 -5.14
N GLU A 305 -26.46 -11.19 -4.74
CA GLU A 305 -27.54 -10.95 -5.69
C GLU A 305 -27.64 -12.03 -6.76
N ASP A 306 -27.57 -11.58 -8.01
CA ASP A 306 -27.66 -12.45 -9.18
C ASP A 306 -26.32 -13.11 -9.52
N THR A 307 -25.22 -12.52 -9.10
CA THR A 307 -23.89 -13.06 -9.40
C THR A 307 -23.69 -14.48 -8.91
N THR A 308 -23.13 -15.33 -9.77
CA THR A 308 -22.86 -16.72 -9.42
C THR A 308 -21.41 -16.90 -9.02
N TYR A 309 -21.07 -18.09 -8.54
CA TYR A 309 -19.72 -18.43 -8.14
C TYR A 309 -18.81 -18.36 -9.35
N GLU A 310 -19.23 -18.99 -10.44
CA GLU A 310 -18.48 -19.01 -11.68
C GLU A 310 -18.10 -17.61 -12.16
N GLU A 311 -19.06 -16.68 -12.08
CA GLU A 311 -18.82 -15.30 -12.51
C GLU A 311 -17.79 -14.64 -11.58
N LEU A 312 -17.92 -14.88 -10.28
CA LEU A 312 -16.98 -14.30 -9.33
C LEU A 312 -15.58 -14.84 -9.61
N ARG A 313 -15.48 -16.16 -9.76
CA ARG A 313 -14.19 -16.78 -10.04
C ARG A 313 -13.59 -16.21 -11.32
N ASP A 314 -14.41 -16.13 -12.37
CA ASP A 314 -13.94 -15.58 -13.64
C ASP A 314 -13.41 -14.16 -13.44
N ALA A 315 -14.14 -13.38 -12.65
CA ALA A 315 -13.77 -12.00 -12.37
C ALA A 315 -12.43 -11.93 -11.64
N LEU A 316 -12.25 -12.78 -10.63
CA LEU A 316 -11.00 -12.81 -9.88
C LEU A 316 -9.81 -13.20 -10.74
N GLU A 317 -10.02 -14.12 -11.68
CA GLU A 317 -8.94 -14.57 -12.56
C GLU A 317 -8.47 -13.43 -13.46
N LYS A 318 -9.41 -12.69 -14.03
CA LYS A 318 -9.09 -11.57 -14.91
C LYS A 318 -8.41 -10.45 -14.12
N TYR A 319 -8.96 -10.14 -12.95
CA TYR A 319 -8.38 -9.08 -12.13
C TYR A 319 -6.94 -9.41 -11.77
N ALA A 320 -6.73 -10.63 -11.27
CA ALA A 320 -5.42 -11.10 -10.82
C ALA A 320 -4.30 -10.92 -11.84
N ILE A 321 -4.67 -10.94 -13.12
CA ILE A 321 -3.69 -10.77 -14.18
C ILE A 321 -3.00 -9.40 -14.05
N ASN A 322 -3.70 -8.44 -13.47
CA ASN A 322 -3.16 -7.09 -13.31
C ASN A 322 -2.77 -6.75 -11.87
N ASP A 323 -2.73 -7.76 -11.01
CA ASP A 323 -2.37 -7.56 -9.59
C ASP A 323 -1.46 -8.70 -9.17
N ALA A 324 -0.16 -8.42 -9.05
CA ALA A 324 0.82 -9.41 -8.68
C ALA A 324 0.83 -9.80 -7.19
N ALA A 325 0.12 -9.04 -6.37
CA ALA A 325 0.10 -9.30 -4.93
C ALA A 325 -1.09 -10.12 -4.40
N ILE A 326 -2.23 -10.00 -5.06
CA ILE A 326 -3.42 -10.70 -4.59
C ILE A 326 -3.33 -12.22 -4.62
N VAL A 327 -3.90 -12.87 -3.59
CA VAL A 327 -3.95 -14.32 -3.54
C VAL A 327 -5.38 -14.69 -3.17
N TYR A 328 -5.81 -15.89 -3.55
CA TYR A 328 -7.16 -16.30 -3.22
C TYR A 328 -7.32 -17.78 -3.45
N GLU A 329 -8.23 -18.38 -2.69
CA GLU A 329 -8.51 -19.79 -2.81
C GLU A 329 -9.98 -20.03 -2.49
N PRO A 330 -10.57 -21.09 -3.07
CA PRO A 330 -11.98 -21.38 -2.82
C PRO A 330 -12.26 -21.77 -1.38
N GLU A 331 -13.41 -21.34 -0.87
CA GLU A 331 -13.84 -21.71 0.46
C GLU A 331 -15.35 -21.76 0.43
N SER A 332 -15.94 -22.38 1.45
CA SER A 332 -17.39 -22.48 1.51
C SER A 332 -17.90 -22.31 2.94
N SER A 333 -19.14 -21.84 3.03
CA SER A 333 -19.80 -21.61 4.32
C SER A 333 -21.16 -22.29 4.17
N PRO A 334 -21.72 -22.78 5.28
CA PRO A 334 -23.03 -23.44 5.21
C PRO A 334 -24.16 -22.51 4.78
N ALA A 335 -24.02 -21.23 5.13
CA ALA A 335 -25.05 -20.25 4.80
C ALA A 335 -24.75 -19.43 3.56
N LEU A 336 -23.48 -19.01 3.41
CA LEU A 336 -23.07 -18.20 2.28
C LEU A 336 -22.80 -18.99 1.01
N GLY A 337 -22.55 -20.28 1.14
CA GLY A 337 -22.26 -21.09 -0.03
C GLY A 337 -20.78 -21.04 -0.39
N MET A 338 -20.48 -21.12 -1.69
CA MET A 338 -19.09 -21.09 -2.14
C MET A 338 -18.57 -19.71 -2.51
N GLY A 339 -17.35 -19.43 -2.05
CA GLY A 339 -16.72 -18.16 -2.31
C GLY A 339 -15.21 -18.29 -2.37
N PHE A 340 -14.52 -17.25 -1.91
CA PHE A 340 -13.05 -17.27 -1.92
C PHE A 340 -12.48 -16.59 -0.70
N ARG A 341 -11.37 -17.12 -0.20
CA ARG A 341 -10.65 -16.52 0.91
C ARG A 341 -9.57 -15.76 0.13
N VAL A 342 -9.66 -14.44 0.15
CA VAL A 342 -8.72 -13.61 -0.59
C VAL A 342 -7.75 -12.88 0.34
N GLY A 343 -6.47 -12.84 -0.04
CA GLY A 343 -5.47 -12.16 0.75
C GLY A 343 -5.05 -10.86 0.10
N PHE A 344 -5.04 -9.79 0.89
CA PHE A 344 -4.69 -8.45 0.42
C PHE A 344 -3.51 -7.87 1.20
N LEU A 345 -2.91 -6.82 0.65
CA LEU A 345 -1.78 -6.14 1.30
C LEU A 345 -2.28 -5.25 2.44
N GLY A 346 -3.58 -5.00 2.47
CA GLY A 346 -4.16 -4.16 3.50
C GLY A 346 -5.59 -3.75 3.17
N LEU A 347 -6.15 -2.85 3.96
CA LEU A 347 -7.53 -2.39 3.75
C LEU A 347 -7.80 -1.61 2.47
N LEU A 348 -6.86 -0.77 2.06
CA LEU A 348 -7.09 -0.02 0.82
C LEU A 348 -7.01 -0.98 -0.35
N HIS A 349 -6.00 -1.86 -0.33
CA HIS A 349 -5.84 -2.83 -1.40
C HIS A 349 -7.14 -3.63 -1.53
N MET A 350 -7.74 -3.95 -0.39
CA MET A 350 -8.99 -4.71 -0.39
C MET A 350 -10.08 -3.86 -1.04
N GLU A 351 -10.18 -2.61 -0.60
CA GLU A 351 -11.15 -1.68 -1.14
C GLU A 351 -10.97 -1.56 -2.66
N ILE A 352 -9.72 -1.42 -3.09
CA ILE A 352 -9.42 -1.31 -4.52
C ILE A 352 -9.89 -2.55 -5.28
N VAL A 353 -9.61 -3.73 -4.75
CA VAL A 353 -10.04 -4.95 -5.42
C VAL A 353 -11.56 -5.04 -5.50
N GLN A 354 -12.24 -4.74 -4.39
CA GLN A 354 -13.70 -4.77 -4.35
C GLN A 354 -14.35 -3.89 -5.40
N GLU A 355 -13.96 -2.62 -5.40
CA GLU A 355 -14.52 -1.66 -6.35
C GLU A 355 -14.24 -2.03 -7.79
N ARG A 356 -13.07 -2.59 -8.06
CA ARG A 356 -12.73 -2.97 -9.43
C ARG A 356 -13.47 -4.22 -9.90
N LEU A 357 -13.76 -5.13 -8.98
CA LEU A 357 -14.50 -6.34 -9.34
C LEU A 357 -15.93 -5.95 -9.70
N GLU A 358 -16.52 -5.07 -8.90
CA GLU A 358 -17.89 -4.62 -9.10
C GLU A 358 -17.99 -3.70 -10.30
N ARG A 359 -17.01 -2.80 -10.45
CA ARG A 359 -16.98 -1.85 -11.54
C ARG A 359 -16.57 -2.47 -12.89
N GLU A 360 -15.39 -3.08 -12.91
CA GLU A 360 -14.85 -3.68 -14.13
C GLU A 360 -15.58 -4.92 -14.64
N TYR A 361 -15.99 -5.80 -13.74
CA TYR A 361 -16.64 -7.03 -14.14
C TYR A 361 -18.11 -7.12 -13.78
N GLY A 362 -18.63 -6.08 -13.14
CA GLY A 362 -20.02 -6.05 -12.77
C GLY A 362 -20.54 -7.19 -11.92
N VAL A 363 -19.72 -7.69 -11.01
CA VAL A 363 -20.13 -8.78 -10.13
C VAL A 363 -20.57 -8.24 -8.78
N LYS A 364 -21.57 -8.88 -8.19
CA LYS A 364 -22.07 -8.47 -6.89
C LYS A 364 -21.45 -9.39 -5.85
N ILE A 365 -20.81 -8.80 -4.84
CA ILE A 365 -20.14 -9.58 -3.82
C ILE A 365 -20.44 -9.12 -2.41
N ILE A 366 -20.34 -10.06 -1.48
CA ILE A 366 -20.51 -9.75 -0.07
C ILE A 366 -19.12 -10.09 0.51
N THR A 367 -18.61 -9.23 1.37
CA THR A 367 -17.30 -9.44 1.96
C THR A 367 -17.42 -9.61 3.47
N THR A 368 -16.71 -10.60 4.01
CA THR A 368 -16.74 -10.84 5.44
C THR A 368 -15.89 -9.79 6.14
N ALA A 369 -15.92 -9.80 7.46
CA ALA A 369 -15.09 -8.86 8.19
C ALA A 369 -13.68 -9.35 7.87
N PRO A 370 -12.70 -8.45 7.76
CA PRO A 370 -11.33 -8.85 7.45
C PRO A 370 -10.64 -9.47 8.67
N ASN A 371 -9.52 -10.16 8.44
CA ASN A 371 -8.74 -10.74 9.52
C ASN A 371 -7.26 -10.76 9.19
N VAL A 372 -6.43 -10.84 10.22
CA VAL A 372 -4.99 -10.88 10.04
C VAL A 372 -4.57 -12.34 10.08
N ILE A 373 -3.29 -12.60 9.84
CA ILE A 373 -2.75 -13.94 9.84
C ILE A 373 -2.24 -14.27 11.25
N TYR A 374 -2.86 -15.26 11.88
CA TYR A 374 -2.45 -15.66 13.22
C TYR A 374 -1.52 -16.87 13.13
N ARG A 375 -0.66 -16.99 14.11
CA ARG A 375 0.26 -18.12 14.20
C ARG A 375 -0.21 -18.91 15.42
N VAL A 376 -0.62 -20.15 15.20
CA VAL A 376 -1.11 -20.98 16.29
C VAL A 376 -0.26 -22.21 16.52
N LYS A 377 0.07 -22.47 17.78
CA LYS A 377 0.85 -23.65 18.16
C LYS A 377 -0.12 -24.56 18.90
N LYS A 378 -0.44 -25.70 18.29
CA LYS A 378 -1.35 -26.65 18.91
C LYS A 378 -0.56 -27.81 19.49
N LYS A 379 -1.09 -28.38 20.58
CA LYS A 379 -0.45 -29.45 21.31
C LYS A 379 0.21 -30.62 20.57
N PHE A 380 -0.46 -31.18 19.58
CA PHE A 380 0.13 -32.33 18.91
C PHE A 380 0.61 -32.07 17.49
N THR A 381 1.07 -30.85 17.24
CA THR A 381 1.58 -30.46 15.94
C THR A 381 2.88 -29.68 16.18
N ASP A 382 4.00 -30.25 15.76
CA ASP A 382 5.30 -29.61 15.96
C ASP A 382 5.44 -28.23 15.37
N GLU A 383 5.04 -28.07 14.12
CA GLU A 383 5.16 -26.77 13.46
C GLU A 383 3.99 -25.84 13.74
N VAL A 384 4.32 -24.56 13.93
CA VAL A 384 3.33 -23.53 14.18
C VAL A 384 2.48 -23.44 12.91
N ILE A 385 1.18 -23.22 13.08
CA ILE A 385 0.30 -23.12 11.93
C ILE A 385 -0.11 -21.68 11.65
N GLU A 386 -0.18 -21.33 10.36
CA GLU A 386 -0.59 -20.00 9.95
C GLU A 386 -2.07 -20.04 9.64
N VAL A 387 -2.84 -19.22 10.36
CA VAL A 387 -4.27 -19.19 10.15
C VAL A 387 -4.68 -17.91 9.42
N ARG A 388 -5.11 -18.06 8.16
CA ARG A 388 -5.55 -16.91 7.39
C ARG A 388 -7.07 -16.90 7.28
N ASN A 389 -7.69 -17.95 7.79
CA ASN A 389 -9.15 -18.07 7.74
C ASN A 389 -9.59 -18.45 9.15
N PRO A 390 -10.32 -17.56 9.82
CA PRO A 390 -10.83 -17.78 11.19
C PRO A 390 -11.50 -19.13 11.40
N MET A 391 -12.20 -19.62 10.40
CA MET A 391 -12.87 -20.91 10.55
C MET A 391 -11.87 -22.06 10.60
N ASP A 392 -10.60 -21.78 10.27
CA ASP A 392 -9.55 -22.79 10.33
C ASP A 392 -8.86 -22.79 11.69
N PHE A 393 -9.13 -21.74 12.47
CA PHE A 393 -8.57 -21.63 13.81
C PHE A 393 -9.17 -22.80 14.59
N PRO A 394 -8.34 -23.54 15.33
CA PRO A 394 -8.81 -24.70 16.11
C PRO A 394 -10.06 -24.42 16.96
N ASP A 395 -11.08 -25.27 16.83
CA ASP A 395 -12.30 -25.11 17.62
C ASP A 395 -12.02 -25.47 19.07
N ASN A 396 -11.14 -26.44 19.28
CA ASN A 396 -10.78 -26.91 20.61
C ASN A 396 -9.72 -26.01 21.24
N ALA A 397 -10.15 -25.12 22.14
CA ALA A 397 -9.25 -24.20 22.81
C ALA A 397 -8.24 -24.92 23.69
N GLY A 398 -8.60 -26.09 24.20
CA GLY A 398 -7.70 -26.83 25.06
C GLY A 398 -6.45 -27.31 24.36
N LEU A 399 -6.55 -27.47 23.04
CA LEU A 399 -5.43 -27.95 22.23
C LEU A 399 -4.40 -26.86 21.92
N ILE A 400 -4.77 -25.60 22.11
CA ILE A 400 -3.89 -24.47 21.81
C ILE A 400 -2.86 -24.15 22.89
N GLU A 401 -1.58 -24.23 22.53
CA GLU A 401 -0.52 -23.90 23.49
C GLU A 401 -0.27 -22.40 23.51
N TYR A 402 -0.39 -21.76 22.35
CA TYR A 402 -0.23 -20.31 22.28
C TYR A 402 -0.63 -19.76 20.93
N VAL A 403 -0.94 -18.48 20.90
CA VAL A 403 -1.33 -17.81 19.67
C VAL A 403 -0.57 -16.49 19.57
N GLU A 404 -0.03 -16.21 18.39
CA GLU A 404 0.66 -14.95 18.17
C GLU A 404 -0.06 -14.19 17.07
N GLU A 405 -0.02 -12.87 17.14
CA GLU A 405 -0.64 -12.00 16.15
C GLU A 405 0.33 -10.88 15.76
N PRO A 406 0.17 -10.32 14.55
CA PRO A 406 1.06 -9.25 14.09
C PRO A 406 0.81 -7.93 14.79
N PHE A 407 1.90 -7.23 15.11
CA PHE A 407 1.83 -5.92 15.74
C PHE A 407 2.46 -4.93 14.81
N VAL A 408 2.05 -3.67 14.91
CA VAL A 408 2.59 -2.62 14.08
C VAL A 408 2.88 -1.41 14.94
N LEU A 409 3.75 -0.54 14.44
CA LEU A 409 4.09 0.69 15.13
C LEU A 409 3.24 1.74 14.41
N VAL A 410 2.31 2.35 15.13
CA VAL A 410 1.46 3.38 14.54
C VAL A 410 1.95 4.78 14.90
N THR A 411 2.14 5.62 13.89
CA THR A 411 2.55 7.01 14.10
C THR A 411 1.31 7.86 13.81
N ILE A 412 1.06 8.84 14.66
CA ILE A 412 -0.11 9.67 14.50
C ILE A 412 0.22 11.15 14.62
N ILE A 413 -0.38 11.97 13.76
CA ILE A 413 -0.18 13.40 13.82
C ILE A 413 -1.55 14.03 13.93
N THR A 414 -1.73 14.86 14.97
CA THR A 414 -3.01 15.48 15.21
C THR A 414 -2.97 16.82 15.92
N PRO A 415 -4.00 17.65 15.70
CA PRO A 415 -4.01 18.95 16.38
C PRO A 415 -4.11 18.59 17.87
N LYS A 416 -3.49 19.40 18.72
CA LYS A 416 -3.48 19.19 20.16
C LYS A 416 -4.87 18.95 20.78
N GLU A 417 -5.89 19.59 20.22
CA GLU A 417 -7.25 19.46 20.75
C GLU A 417 -7.79 18.04 20.80
N TYR A 418 -7.33 17.18 19.89
CA TYR A 418 -7.84 15.82 19.86
C TYR A 418 -6.95 14.74 20.49
N VAL A 419 -5.82 15.14 21.05
CA VAL A 419 -4.90 14.19 21.67
C VAL A 419 -5.55 13.21 22.66
N GLY A 420 -6.28 13.75 23.64
CA GLY A 420 -6.93 12.90 24.63
C GLY A 420 -7.85 11.83 24.05
N PRO A 421 -8.81 12.21 23.18
CA PRO A 421 -9.73 11.22 22.59
C PRO A 421 -8.99 10.15 21.78
N ILE A 422 -7.92 10.57 21.11
CA ILE A 422 -7.14 9.63 20.31
C ILE A 422 -6.40 8.65 21.22
N ILE A 423 -5.79 9.17 22.29
CA ILE A 423 -5.07 8.33 23.23
C ILE A 423 -6.03 7.28 23.77
N GLN A 424 -7.22 7.72 24.17
CA GLN A 424 -8.21 6.81 24.72
C GLN A 424 -8.59 5.74 23.68
N LEU A 425 -8.67 6.16 22.43
CA LEU A 425 -9.02 5.24 21.34
C LEU A 425 -7.96 4.14 21.19
N CYS A 426 -6.70 4.55 21.05
CA CYS A 426 -5.61 3.60 20.91
C CYS A 426 -5.52 2.64 22.10
N GLN A 427 -5.79 3.19 23.28
CA GLN A 427 -5.75 2.45 24.53
C GLN A 427 -6.84 1.38 24.52
N GLU A 428 -8.01 1.75 24.02
CA GLU A 428 -9.12 0.80 23.95
C GLU A 428 -8.77 -0.32 22.96
N LYS A 429 -7.94 0.01 21.98
CA LYS A 429 -7.52 -0.94 20.96
C LYS A 429 -6.24 -1.67 21.32
N ARG A 430 -5.96 -1.76 22.61
CA ARG A 430 -4.77 -2.47 23.11
C ARG A 430 -3.45 -1.87 22.64
N GLY A 431 -3.40 -0.55 22.50
CA GLY A 431 -2.17 0.08 22.07
C GLY A 431 -1.29 0.43 23.25
N ILE A 432 0.02 0.42 23.05
CA ILE A 432 0.98 0.77 24.09
C ILE A 432 1.72 2.01 23.59
N GLN A 433 1.58 3.13 24.29
CA GLN A 433 2.25 4.36 23.86
C GLN A 433 3.76 4.23 24.00
N LYS A 434 4.49 4.60 22.96
CA LYS A 434 5.94 4.53 23.00
C LYS A 434 6.57 5.92 22.95
N ASN A 435 5.82 6.91 22.45
CA ASN A 435 6.36 8.25 22.34
C ASN A 435 5.30 9.31 22.11
N MET A 436 5.60 10.51 22.59
CA MET A 436 4.71 11.65 22.41
C MET A 436 5.57 12.90 22.29
N THR A 437 5.39 13.64 21.20
CA THR A 437 6.17 14.85 20.99
C THR A 437 5.33 15.92 20.30
N TYR A 438 5.68 17.18 20.54
CA TYR A 438 4.99 18.31 19.92
C TYR A 438 5.73 18.78 18.67
N LEU A 439 5.04 18.75 17.52
CA LEU A 439 5.62 19.18 16.25
C LEU A 439 5.53 20.69 16.07
N ASP A 440 4.91 21.33 17.05
CA ASP A 440 4.73 22.78 17.14
C ASP A 440 3.79 22.96 18.32
N PRO A 441 3.57 24.19 18.78
CA PRO A 441 2.68 24.42 19.92
C PRO A 441 1.27 23.79 19.87
N ASN A 442 0.76 23.53 18.68
CA ASN A 442 -0.58 22.96 18.57
C ASN A 442 -0.69 21.62 17.84
N THR A 443 0.46 21.01 17.56
CA THR A 443 0.47 19.74 16.85
C THR A 443 1.24 18.67 17.60
N VAL A 444 0.59 17.53 17.85
CA VAL A 444 1.21 16.44 18.58
C VAL A 444 1.50 15.20 17.75
N TYR A 445 2.63 14.58 18.04
CA TYR A 445 3.08 13.37 17.37
C TYR A 445 3.01 12.23 18.38
N LEU A 446 2.40 11.12 17.99
CA LEU A 446 2.27 9.97 18.86
C LEU A 446 2.73 8.68 18.17
N GLU A 447 3.34 7.79 18.96
CA GLU A 447 3.79 6.50 18.48
C GLU A 447 3.14 5.45 19.39
N TYR A 448 2.47 4.48 18.77
CA TYR A 448 1.79 3.42 19.50
C TYR A 448 2.03 2.05 18.90
N GLU A 449 2.31 1.08 19.76
CA GLU A 449 2.46 -0.28 19.27
C GLU A 449 1.05 -0.84 19.44
N MET A 450 0.50 -1.38 18.36
CA MET A 450 -0.86 -1.91 18.39
C MET A 450 -0.98 -3.16 17.56
N PRO A 451 -1.96 -4.03 17.89
CA PRO A 451 -2.15 -5.26 17.13
C PRO A 451 -2.78 -4.84 15.81
N LEU A 452 -2.33 -5.40 14.70
CA LEU A 452 -2.93 -5.06 13.42
C LEU A 452 -4.42 -5.44 13.43
N SER A 453 -4.74 -6.53 14.14
CA SER A 453 -6.13 -7.00 14.23
C SER A 453 -7.11 -5.95 14.78
N GLU A 454 -6.60 -5.06 15.64
CA GLU A 454 -7.45 -4.01 16.22
C GLU A 454 -7.53 -2.84 15.25
N ILE A 455 -6.46 -2.64 14.48
CA ILE A 455 -6.40 -1.56 13.51
C ILE A 455 -7.36 -1.70 12.32
N ILE A 456 -7.52 -2.92 11.81
CA ILE A 456 -8.38 -3.15 10.67
C ILE A 456 -9.89 -3.22 10.93
N VAL A 457 -10.29 -3.11 12.20
CA VAL A 457 -11.72 -3.16 12.52
C VAL A 457 -12.46 -1.86 12.19
N ASP A 458 -12.11 -0.78 12.88
CA ASP A 458 -12.79 0.50 12.66
C ASP A 458 -11.93 1.67 13.09
N PHE A 459 -10.65 1.42 13.31
CA PHE A 459 -9.72 2.45 13.74
C PHE A 459 -9.73 3.67 12.82
N HIS A 460 -9.65 3.43 11.51
CA HIS A 460 -9.65 4.52 10.55
C HIS A 460 -10.82 5.50 10.68
N ASP A 461 -12.05 4.99 10.63
CA ASP A 461 -13.21 5.87 10.75
C ASP A 461 -13.31 6.53 12.10
N LYS A 462 -12.90 5.81 13.15
CA LYS A 462 -12.96 6.34 14.51
C LYS A 462 -12.01 7.52 14.69
N ILE A 463 -10.75 7.33 14.34
CA ILE A 463 -9.78 8.39 14.51
C ILE A 463 -10.12 9.60 13.64
N LYS A 464 -10.72 9.35 12.48
CA LYS A 464 -11.09 10.45 11.61
C LYS A 464 -12.27 11.23 12.19
N SER A 465 -13.31 10.53 12.65
CA SER A 465 -14.47 11.23 13.20
C SER A 465 -14.10 12.03 14.46
N ILE A 466 -13.40 11.41 15.41
CA ILE A 466 -13.01 12.14 16.62
C ILE A 466 -12.03 13.29 16.36
N SER A 467 -11.43 13.35 15.18
CA SER A 467 -10.49 14.43 14.89
C SER A 467 -11.02 15.34 13.78
N ARG A 468 -12.24 15.06 13.33
CA ARG A 468 -12.85 15.87 12.29
C ARG A 468 -12.05 15.79 11.00
N GLY A 469 -11.37 14.66 10.81
CA GLY A 469 -10.55 14.47 9.61
C GLY A 469 -9.19 15.15 9.66
N PHE A 470 -8.86 15.79 10.78
CA PHE A 470 -7.58 16.48 10.90
C PHE A 470 -6.39 15.60 11.34
N ALA A 471 -6.67 14.47 11.97
CA ALA A 471 -5.56 13.62 12.41
C ALA A 471 -5.18 12.65 11.30
N SER A 472 -3.88 12.34 11.24
CA SER A 472 -3.37 11.41 10.24
C SER A 472 -2.56 10.32 10.94
N TYR A 473 -2.43 9.16 10.29
CA TYR A 473 -1.64 8.08 10.88
C TYR A 473 -1.05 7.18 9.81
N ASP A 474 -0.03 6.44 10.21
CA ASP A 474 0.66 5.52 9.33
C ASP A 474 1.19 4.44 10.25
N TYR A 475 1.57 3.30 9.70
CA TYR A 475 2.10 2.24 10.54
C TYR A 475 3.08 1.34 9.81
N GLU A 476 3.87 0.61 10.59
CA GLU A 476 4.88 -0.28 10.07
C GLU A 476 4.84 -1.59 10.84
N PHE A 477 4.91 -2.70 10.12
CA PHE A 477 4.89 -4.02 10.74
C PHE A 477 6.13 -4.17 11.62
N ILE A 478 5.94 -4.63 12.85
CA ILE A 478 7.08 -4.80 13.74
C ILE A 478 7.22 -6.21 14.29
N GLY A 479 6.42 -7.15 13.78
CA GLY A 479 6.55 -8.52 14.26
C GLY A 479 5.40 -9.14 15.02
N TYR A 480 5.53 -10.44 15.26
CA TYR A 480 4.53 -11.22 15.99
C TYR A 480 4.80 -11.30 17.48
N ARG A 481 3.72 -11.31 18.25
CA ARG A 481 3.81 -11.40 19.71
C ARG A 481 2.69 -12.28 20.23
N PRO A 482 2.96 -13.09 21.26
CA PRO A 482 1.92 -13.96 21.81
C PRO A 482 0.84 -13.11 22.50
N SER A 483 -0.41 -13.50 22.35
CA SER A 483 -1.51 -12.77 22.97
C SER A 483 -2.59 -13.75 23.41
N ASP A 484 -3.45 -13.31 24.32
CA ASP A 484 -4.52 -14.19 24.79
C ASP A 484 -5.70 -14.04 23.82
N LEU A 485 -5.61 -14.74 22.69
CA LEU A 485 -6.64 -14.68 21.67
C LEU A 485 -7.55 -15.90 21.65
N ILE A 486 -8.85 -15.66 21.43
CA ILE A 486 -9.82 -16.76 21.37
C ILE A 486 -10.73 -16.62 20.15
N LYS A 487 -11.33 -17.74 19.76
CA LYS A 487 -12.23 -17.79 18.62
C LYS A 487 -13.68 -17.67 19.10
N LEU A 488 -14.44 -16.81 18.45
CA LEU A 488 -15.85 -16.65 18.81
C LEU A 488 -16.68 -17.13 17.63
N THR A 489 -17.75 -17.85 17.91
CA THR A 489 -18.61 -18.33 16.85
C THR A 489 -19.94 -17.59 16.89
N VAL A 490 -20.55 -17.44 15.73
CA VAL A 490 -21.83 -16.76 15.63
C VAL A 490 -22.90 -17.78 15.22
N LEU A 491 -23.95 -17.88 16.04
CA LEU A 491 -25.05 -18.79 15.77
C LEU A 491 -26.32 -18.04 15.41
N ILE A 492 -26.98 -18.51 14.35
CA ILE A 492 -28.24 -17.92 13.89
C ILE A 492 -29.27 -19.05 13.92
N ASN A 493 -30.16 -18.97 14.91
CA ASN A 493 -31.20 -19.99 15.11
C ASN A 493 -30.56 -21.23 15.71
N LYS A 494 -29.84 -21.04 16.81
CA LYS A 494 -29.17 -22.13 17.52
C LYS A 494 -28.11 -22.87 16.70
N LYS A 495 -27.98 -22.52 15.42
CA LYS A 495 -27.00 -23.16 14.56
C LYS A 495 -25.98 -22.13 14.06
N PRO A 496 -24.68 -22.42 14.24
CA PRO A 496 -23.55 -21.58 13.84
C PRO A 496 -23.33 -21.33 12.35
N VAL A 497 -22.62 -20.24 12.05
CA VAL A 497 -22.28 -19.85 10.69
C VAL A 497 -20.77 -19.62 10.63
N ASP A 498 -20.06 -20.60 10.10
CA ASP A 498 -18.60 -20.57 9.98
C ASP A 498 -17.95 -19.30 9.46
N ALA A 499 -18.55 -18.70 8.44
CA ALA A 499 -18.03 -17.48 7.84
C ALA A 499 -18.06 -16.28 8.77
N LEU A 500 -18.81 -16.36 9.86
CA LEU A 500 -18.90 -15.24 10.80
C LEU A 500 -18.03 -15.43 12.04
N SER A 501 -17.31 -16.54 12.13
CA SER A 501 -16.46 -16.76 13.30
C SER A 501 -15.28 -15.80 13.22
N PHE A 502 -14.84 -15.30 14.37
CA PHE A 502 -13.72 -14.37 14.39
C PHE A 502 -12.82 -14.55 15.58
N ILE A 503 -11.63 -13.96 15.50
CA ILE A 503 -10.65 -14.06 16.56
C ILE A 503 -10.57 -12.73 17.28
N VAL A 504 -10.59 -12.78 18.61
CA VAL A 504 -10.57 -11.58 19.41
C VAL A 504 -9.73 -11.81 20.66
N HIS A 505 -9.26 -10.73 21.28
CA HIS A 505 -8.50 -10.87 22.52
C HIS A 505 -9.53 -11.22 23.60
N ALA A 506 -9.17 -12.12 24.51
CA ALA A 506 -10.08 -12.54 25.58
C ALA A 506 -10.77 -11.39 26.30
N ASP A 507 -10.01 -10.32 26.60
CA ASP A 507 -10.57 -9.17 27.31
C ASP A 507 -11.52 -8.32 26.49
N ARG A 508 -11.40 -8.40 25.17
CA ARG A 508 -12.26 -7.62 24.29
C ARG A 508 -13.42 -8.46 23.74
N ALA A 509 -13.45 -9.73 24.11
CA ALA A 509 -14.48 -10.66 23.63
C ALA A 509 -15.91 -10.17 23.84
N GLN A 510 -16.25 -9.92 25.11
CA GLN A 510 -17.59 -9.47 25.46
C GLN A 510 -18.04 -8.29 24.62
N LYS A 511 -17.17 -7.28 24.53
CA LYS A 511 -17.48 -6.08 23.77
C LYS A 511 -17.62 -6.36 22.28
N PHE A 512 -16.71 -7.12 21.69
CA PHE A 512 -16.81 -7.42 20.26
C PHE A 512 -18.06 -8.25 19.99
N ALA A 513 -18.37 -9.16 20.90
CA ALA A 513 -19.52 -10.03 20.78
C ALA A 513 -20.82 -9.22 20.72
N ARG A 514 -20.96 -8.28 21.65
CA ARG A 514 -22.15 -7.44 21.69
C ARG A 514 -22.27 -6.62 20.41
N ARG A 515 -21.15 -6.02 19.99
CA ARG A 515 -21.13 -5.21 18.77
C ARG A 515 -21.54 -6.05 17.56
N VAL A 516 -20.90 -7.20 17.37
CA VAL A 516 -21.20 -8.06 16.23
C VAL A 516 -22.67 -8.51 16.22
N ALA A 517 -23.22 -8.80 17.39
CA ALA A 517 -24.61 -9.25 17.48
C ALA A 517 -25.56 -8.11 17.12
N GLU A 518 -25.36 -6.95 17.73
CA GLU A 518 -26.20 -5.78 17.46
C GLU A 518 -26.14 -5.40 15.99
N LYS A 519 -25.00 -5.66 15.37
CA LYS A 519 -24.81 -5.34 13.96
C LYS A 519 -25.69 -6.26 13.11
N LEU A 520 -25.70 -7.54 13.43
CA LEU A 520 -26.50 -8.51 12.69
C LEU A 520 -28.01 -8.29 12.88
N ARG A 521 -28.41 -7.86 14.07
CA ARG A 521 -29.82 -7.60 14.33
C ARG A 521 -30.32 -6.51 13.39
N GLU A 522 -29.41 -5.65 12.97
CA GLU A 522 -29.73 -4.55 12.07
C GLU A 522 -29.43 -4.93 10.63
N THR A 523 -28.39 -5.75 10.46
CA THR A 523 -27.97 -6.21 9.14
C THR A 523 -29.02 -7.07 8.43
N ILE A 524 -29.11 -8.33 8.82
CA ILE A 524 -30.07 -9.25 8.22
C ILE A 524 -31.51 -8.74 8.33
N PRO A 525 -32.32 -8.99 7.30
CA PRO A 525 -33.73 -8.56 7.27
C PRO A 525 -34.61 -9.39 8.21
N ARG A 526 -35.91 -9.18 8.12
CA ARG A 526 -36.85 -9.92 8.96
C ARG A 526 -37.46 -11.09 8.22
N GLN A 527 -37.76 -12.16 8.96
CA GLN A 527 -38.36 -13.36 8.39
C GLN A 527 -39.66 -13.68 9.12
N LEU A 528 -40.42 -14.63 8.57
CA LEU A 528 -41.68 -15.00 9.19
C LEU A 528 -41.47 -15.52 10.62
N PHE A 529 -40.27 -16.05 10.88
CA PHE A 529 -39.94 -16.56 12.21
C PHE A 529 -38.95 -15.65 12.91
N GLU A 530 -38.85 -15.78 14.24
CA GLU A 530 -37.93 -14.98 15.02
C GLU A 530 -36.49 -15.36 14.68
N VAL A 531 -35.63 -14.36 14.54
CA VAL A 531 -34.23 -14.61 14.22
C VAL A 531 -33.39 -14.41 15.48
N HIS A 532 -32.95 -15.52 16.07
CA HIS A 532 -32.14 -15.44 17.28
C HIS A 532 -30.66 -15.46 16.89
N ILE A 533 -29.94 -14.44 17.33
CA ILE A 533 -28.52 -14.31 17.03
C ILE A 533 -27.76 -14.55 18.33
N GLN A 534 -26.74 -15.41 18.27
CA GLN A 534 -25.94 -15.71 19.45
C GLN A 534 -24.45 -15.70 19.12
N VAL A 535 -23.66 -15.18 20.05
CA VAL A 535 -22.22 -15.17 19.88
C VAL A 535 -21.69 -16.04 21.01
N ALA A 536 -21.09 -17.16 20.64
CA ALA A 536 -20.57 -18.09 21.64
C ALA A 536 -19.07 -18.12 21.79
N LYS A 537 -18.64 -18.36 23.02
CA LYS A 537 -17.23 -18.46 23.36
C LYS A 537 -16.99 -19.90 23.83
N GLY A 538 -16.45 -20.72 22.94
CA GLY A 538 -16.18 -22.11 23.28
C GLY A 538 -17.41 -22.83 23.81
N GLY A 539 -18.54 -22.67 23.13
CA GLY A 539 -19.75 -23.34 23.56
C GLY A 539 -20.77 -22.48 24.30
N LYS A 540 -20.30 -21.61 25.20
CA LYS A 540 -21.23 -20.76 25.94
C LYS A 540 -21.55 -19.47 25.19
N VAL A 541 -22.80 -19.03 25.31
CA VAL A 541 -23.26 -17.81 24.67
C VAL A 541 -22.89 -16.62 25.56
N ILE A 542 -22.37 -15.56 24.95
CA ILE A 542 -21.97 -14.38 25.71
C ILE A 542 -22.61 -13.10 25.16
N ALA A 543 -23.35 -13.25 24.07
CA ALA A 543 -24.04 -12.14 23.45
C ALA A 543 -25.26 -12.69 22.75
N SER A 544 -26.41 -12.07 22.99
CA SER A 544 -27.66 -12.51 22.38
C SER A 544 -28.39 -11.32 21.76
N GLU A 545 -29.11 -11.57 20.68
CA GLU A 545 -29.87 -10.53 19.99
C GLU A 545 -30.98 -11.23 19.22
N ARG A 546 -32.17 -10.63 19.18
CA ARG A 546 -33.29 -11.24 18.48
C ARG A 546 -34.06 -10.32 17.54
N ILE A 547 -34.53 -10.91 16.45
CA ILE A 547 -35.31 -10.20 15.45
C ILE A 547 -36.70 -10.83 15.42
N LYS A 548 -37.67 -10.15 16.02
CA LYS A 548 -39.04 -10.64 16.06
C LYS A 548 -39.56 -10.96 14.67
N PRO A 549 -40.54 -11.87 14.58
CA PRO A 549 -41.13 -12.29 13.30
C PRO A 549 -41.51 -11.13 12.38
N LEU A 550 -41.53 -11.41 11.08
CA LEU A 550 -41.87 -10.41 10.08
C LEU A 550 -43.25 -9.82 10.36
N ARG A 551 -43.27 -8.69 11.06
CA ARG A 551 -44.51 -8.00 11.40
C ARG A 551 -44.19 -6.74 12.22
#